data_1O2G
#
_entry.id   1O2G
#
_cell.length_a   71.36
_cell.length_b   72.06
_cell.length_c   72.96
_cell.angle_alpha   90.0
_cell.angle_beta   101.77
_cell.angle_gamma   90.0
#
_symmetry.space_group_name_H-M   'C 1 2 1'
#
loop_
_entity.id
_entity.type
_entity.pdbx_description
1 polymer THROMBIN
2 polymer THROMBIN
3 polymer 'ACETYL HIRUDIN'
4 non-polymer 'SODIUM ION'
5 non-polymer "3-{5-[AMINO(IMINIO)METHYL]-1H-INDOL-2-YL}-1,1'-BIPHENYL-2-OLATE"
6 water water
#
loop_
_entity_poly.entity_id
_entity_poly.type
_entity_poly.pdbx_seq_one_letter_code
_entity_poly.pdbx_strand_id
1 'polypeptide(L)' TFGSGEADCGLRPLFEKKSLEDKTERELLESYIDGR L
2 'polypeptide(L)'
;IVEGSDAEIGMSPWQVMLFRKSPQELLCGASLISDRWVLTAAHCLLYPPWDKNFTENDLLVRIGKHSRTRYERNIEKISM
LEKIYIHPRYNWRENLDRDIALMKLKKPVAFSDYIHPVCLPDRETAASLLQAGYKGRVTGWGNLKETWTANVGKGQPSVL
QVVNLPIVERPVCKDSTRIRITDNMFCAGYKPDEGKRGDACEGDSGGPFVMKSPFNNRWYQMGIVSWGEGCDRDGKYGFY
THVFRLKKWIQKVIDQFGE
;
H
3 'polypeptide(L)' DFEEIPEE(TYS)LQ I
#
loop_
_chem_comp.id
_chem_comp.type
_chem_comp.name
_chem_comp.formula
696 non-polymer 3-{5-[AMINO(IMINIO)METHYL]-1H-INDOL-2-YL}-1,1'-BIPHENYL-2-OLATE 'C21 H17 N3 O'
NA non-polymer 'SODIUM ION' 'Na 1'
#
# COMPACT_ATOMS: atom_id res chain seq x y z
N THR A 1 11.13 0.99 -8.31
CA THR A 1 11.51 2.24 -9.01
C THR A 1 10.69 2.17 -10.30
N PHE A 2 11.08 1.35 -11.26
CA PHE A 2 10.34 1.24 -12.56
C PHE A 2 9.87 -0.19 -12.87
N GLY A 3 9.73 -0.56 -14.13
CA GLY A 3 9.26 -1.94 -14.58
C GLY A 3 10.28 -3.07 -14.55
N SER A 4 9.87 -4.06 -13.78
CA SER A 4 10.54 -5.38 -13.42
C SER A 4 11.04 -4.41 -12.37
N GLY A 5 12.02 -3.63 -12.73
CA GLY A 5 12.49 -2.64 -11.77
C GLY A 5 13.75 -2.57 -11.02
N GLU A 6 13.46 -2.34 -9.77
CA GLU A 6 14.48 -2.16 -8.73
C GLU A 6 15.60 -3.19 -8.86
N ALA A 7 15.33 -4.46 -9.13
CA ALA A 7 16.40 -5.53 -9.29
C ALA A 7 16.18 -6.73 -8.43
N ASP A 8 16.16 -6.47 -7.16
CA ASP A 8 15.95 -7.59 -6.20
C ASP A 8 14.58 -7.39 -5.53
N CYS A 9 13.84 -6.49 -6.10
CA CYS A 9 12.51 -6.21 -5.55
C CYS A 9 11.61 -7.40 -5.46
N GLY A 10 10.69 -7.24 -4.56
CA GLY A 10 9.70 -8.30 -4.34
C GLY A 10 10.16 -9.63 -3.82
N LEU A 11 11.42 -9.83 -3.51
CA LEU A 11 11.91 -11.14 -2.97
C LEU A 11 12.21 -10.80 -1.49
N ARG A 12 11.35 -11.30 -0.63
CA ARG A 12 11.50 -11.04 0.83
C ARG A 12 12.67 -11.84 1.48
N PRO A 13 13.55 -11.14 2.16
CA PRO A 13 14.68 -11.78 2.92
C PRO A 13 14.27 -12.98 3.75
N LEU A 14 13.19 -12.82 4.45
CA LEU A 14 12.70 -13.93 5.33
C LEU A 14 11.82 -14.96 4.70
N PHE A 15 11.48 -14.81 3.43
CA PHE A 15 10.61 -15.83 2.84
C PHE A 15 11.19 -16.30 1.54
N GLU A 16 10.90 -15.63 0.46
CA GLU A 16 11.45 -16.09 -0.86
C GLU A 16 12.94 -16.35 -0.84
N LYS A 17 13.69 -15.46 -0.29
CA LYS A 17 15.18 -15.64 -0.25
C LYS A 17 15.60 -16.93 0.53
N LYS A 18 14.74 -17.46 1.37
CA LYS A 18 15.04 -18.69 2.17
C LYS A 18 14.15 -19.84 1.75
N SER A 19 13.38 -19.60 0.75
CA SER A 19 12.44 -20.61 0.22
C SER A 19 11.40 -20.99 1.31
N LEU A 20 10.99 -20.02 2.07
CA LEU A 20 9.96 -20.25 3.15
C LEU A 20 8.70 -19.52 2.65
N GLU A 21 7.55 -20.07 2.90
CA GLU A 21 6.27 -19.44 2.45
C GLU A 21 5.57 -18.88 3.66
N ASP A 22 4.80 -17.82 3.49
CA ASP A 22 4.10 -17.24 4.66
C ASP A 22 2.80 -18.06 4.74
N LYS A 23 2.08 -17.96 5.81
CA LYS A 23 0.84 -18.76 5.94
C LYS A 23 -0.33 -18.58 5.00
N THR A 24 -0.46 -17.52 4.28
CA THR A 24 -1.66 -17.46 3.37
C THR A 24 -1.26 -17.15 1.94
N GLU A 25 -0.01 -17.14 1.59
CA GLU A 25 0.29 -16.83 0.16
C GLU A 25 -0.30 -17.88 -0.78
N ARG A 26 -0.37 -19.09 -0.33
CA ARG A 26 -0.92 -20.17 -1.17
C ARG A 26 -2.35 -19.81 -1.61
N GLU A 27 -3.07 -19.12 -0.78
CA GLU A 27 -4.47 -18.69 -1.08
C GLU A 27 -4.39 -17.84 -2.35
N LEU A 28 -3.40 -17.00 -2.43
CA LEU A 28 -3.23 -16.13 -3.62
C LEU A 28 -2.95 -17.00 -4.84
N LEU A 29 -1.91 -17.75 -4.76
CA LEU A 29 -1.52 -18.63 -5.90
C LEU A 29 -2.65 -19.57 -6.30
N GLU A 30 -3.41 -20.05 -5.37
CA GLU A 30 -4.51 -20.97 -5.72
C GLU A 30 -5.60 -20.21 -6.45
N SER A 31 -5.68 -18.93 -6.30
CA SER A 31 -6.75 -18.19 -7.00
C SER A 31 -6.32 -17.82 -8.42
N TYR A 32 -5.06 -17.95 -8.72
CA TYR A 32 -4.56 -17.59 -10.09
C TYR A 32 -4.70 -18.89 -10.84
N ILE A 33 -5.92 -19.31 -10.93
CA ILE A 33 -6.34 -20.55 -11.61
C ILE A 33 -5.46 -21.85 -11.56
N ASP A 34 -4.71 -22.09 -10.52
CA ASP A 34 -3.84 -23.32 -10.38
C ASP A 34 -2.50 -23.21 -11.10
N GLY A 35 -1.55 -24.03 -10.71
CA GLY A 35 -0.21 -23.98 -11.37
C GLY A 35 0.31 -25.26 -11.98
N ARG A 36 -0.34 -25.71 -13.01
CA ARG A 36 0.05 -26.95 -13.72
C ARG A 36 -0.39 -26.62 -15.17
N ILE B 1 -7.75 -2.59 8.90
CA ILE B 1 -8.10 -3.76 8.07
C ILE B 1 -9.17 -4.44 8.90
N VAL B 2 -10.22 -4.86 8.26
CA VAL B 2 -11.36 -5.54 8.92
C VAL B 2 -11.31 -6.97 8.47
N GLU B 3 -11.45 -7.83 9.43
CA GLU B 3 -11.43 -9.32 9.24
C GLU B 3 -10.13 -9.83 8.61
N GLY B 4 -9.05 -9.25 9.03
CA GLY B 4 -7.69 -9.63 8.51
C GLY B 4 -6.99 -10.29 9.71
N SER B 5 -5.74 -10.62 9.62
CA SER B 5 -5.06 -11.26 10.78
C SER B 5 -3.77 -10.51 10.99
N ASP B 6 -3.05 -10.86 12.02
CA ASP B 6 -1.76 -10.13 12.25
C ASP B 6 -0.80 -10.63 11.21
N ALA B 7 0.04 -9.75 10.78
CA ALA B 7 1.03 -10.14 9.77
C ALA B 7 2.15 -10.91 10.48
N GLU B 8 3.00 -11.50 9.70
CA GLU B 8 4.14 -12.27 10.25
C GLU B 8 5.27 -11.26 10.14
N ILE B 9 6.29 -11.52 10.87
CA ILE B 9 7.44 -10.60 10.85
C ILE B 9 8.05 -10.76 9.45
N GLY B 10 8.44 -9.64 8.90
CA GLY B 10 9.06 -9.57 7.53
C GLY B 10 8.13 -10.00 6.35
N MET B 11 6.84 -10.12 6.63
CA MET B 11 5.82 -10.52 5.58
C MET B 11 5.66 -9.39 4.54
N SER B 12 5.65 -8.15 4.95
CA SER B 12 5.50 -6.96 4.01
C SER B 12 6.63 -5.95 4.23
N PRO B 13 7.84 -6.29 3.88
CA PRO B 13 9.00 -5.43 4.20
C PRO B 13 9.02 -4.10 3.48
N TRP B 14 8.07 -3.94 2.61
CA TRP B 14 7.96 -2.66 1.84
C TRP B 14 6.92 -1.77 2.53
N GLN B 15 6.23 -2.25 3.54
CA GLN B 15 5.21 -1.38 4.19
C GLN B 15 5.87 -0.20 4.93
N VAL B 16 5.27 0.94 4.75
CA VAL B 16 5.74 2.20 5.34
C VAL B 16 4.57 2.83 6.10
N MET B 17 4.93 3.63 7.06
CA MET B 17 3.97 4.37 7.94
C MET B 17 4.25 5.85 7.74
N LEU B 18 3.24 6.62 7.45
CA LEU B 18 3.42 8.09 7.25
C LEU B 18 2.97 8.50 8.63
N PHE B 19 3.88 9.17 9.27
CA PHE B 19 3.69 9.64 10.67
C PHE B 19 3.78 11.16 10.74
N ARG B 20 2.83 11.69 11.42
CA ARG B 20 2.78 13.18 11.59
C ARG B 20 3.67 13.55 12.78
N LYS B 21 4.36 14.65 12.70
CA LYS B 21 5.23 15.05 13.85
C LYS B 21 4.40 15.65 14.99
N SER B 22 3.55 16.61 14.75
CA SER B 22 2.76 17.19 15.87
C SER B 22 1.36 17.40 15.31
N PRO B 23 0.33 16.82 15.91
CA PRO B 23 0.42 15.67 16.88
C PRO B 23 1.16 14.45 16.27
N GLN B 24 1.78 13.69 17.12
CA GLN B 24 2.51 12.49 16.64
C GLN B 24 1.44 11.46 16.43
N GLU B 25 1.08 11.23 15.20
CA GLU B 25 0.03 10.20 14.90
C GLU B 25 0.22 9.50 13.54
N LEU B 26 -0.39 8.35 13.42
CA LEU B 26 -0.31 7.56 12.16
C LEU B 26 -1.19 8.37 11.25
N LEU B 27 -0.72 8.59 10.05
CA LEU B 27 -1.50 9.38 9.07
C LEU B 27 -2.05 8.42 7.99
N CYS B 28 -1.15 7.66 7.40
CA CYS B 28 -1.50 6.69 6.33
C CYS B 28 -0.41 5.63 6.20
N GLY B 29 -0.66 4.75 5.29
CA GLY B 29 0.26 3.63 4.97
C GLY B 29 0.97 4.18 3.70
N ALA B 30 1.96 3.49 3.23
CA ALA B 30 2.72 3.89 2.03
C ALA B 30 3.57 2.64 1.76
N SER B 31 4.37 2.67 0.73
CA SER B 31 5.23 1.52 0.37
C SER B 31 6.60 2.02 -0.12
N LEU B 32 7.56 1.15 0.05
CA LEU B 32 8.97 1.42 -0.34
C LEU B 32 9.15 0.80 -1.71
N ILE B 33 9.51 1.59 -2.70
CA ILE B 33 9.72 1.04 -4.07
C ILE B 33 11.21 1.11 -4.50
N SER B 34 12.05 1.79 -3.76
CA SER B 34 13.50 1.90 -4.08
C SER B 34 14.12 2.37 -2.77
N ASP B 35 15.40 2.60 -2.70
CA ASP B 35 15.96 3.05 -1.39
C ASP B 35 15.71 4.53 -1.15
N ARG B 36 15.20 5.28 -2.09
CA ARG B 36 14.94 6.74 -1.84
C ARG B 36 13.51 7.17 -2.16
N TRP B 37 12.69 6.28 -2.62
CA TRP B 37 11.29 6.67 -2.95
C TRP B 37 10.17 5.90 -2.28
N VAL B 38 9.17 6.63 -1.88
CA VAL B 38 8.01 5.99 -1.22
C VAL B 38 6.77 6.37 -2.06
N LEU B 39 5.87 5.43 -2.13
CA LEU B 39 4.59 5.62 -2.89
C LEU B 39 3.42 5.62 -1.91
N THR B 40 2.50 6.54 -2.08
CA THR B 40 1.32 6.58 -1.18
C THR B 40 0.16 7.16 -2.00
N ALA B 41 -0.89 7.43 -1.29
CA ALA B 41 -2.13 7.99 -1.89
C ALA B 41 -2.06 9.51 -1.68
N ALA B 42 -2.28 10.24 -2.74
CA ALA B 42 -2.27 11.72 -2.70
C ALA B 42 -3.21 12.33 -1.67
N HIS B 43 -4.30 11.68 -1.41
CA HIS B 43 -5.27 12.24 -0.43
C HIS B 43 -4.72 12.22 0.99
N CYS B 44 -3.68 11.46 1.19
CA CYS B 44 -3.07 11.40 2.55
C CYS B 44 -2.34 12.72 2.83
N LEU B 45 -1.93 13.35 1.77
CA LEU B 45 -1.18 14.64 1.85
C LEU B 45 -1.99 15.88 1.50
N LEU B 46 -2.89 15.75 0.58
CA LEU B 46 -3.72 16.90 0.15
C LEU B 46 -5.21 16.57 0.03
N TYR B 47 -6.01 17.16 0.86
CA TYR B 47 -7.47 16.93 0.82
C TYR B 47 -8.15 18.21 1.37
N PRO B 48 -8.20 19.20 0.52
CA PRO B 48 -8.80 20.53 0.85
C PRO B 48 -10.17 20.54 1.55
N PRO B 49 -11.08 19.67 1.19
CA PRO B 49 -12.37 19.56 1.89
C PRO B 49 -12.23 19.52 3.40
N TRP B 50 -11.15 18.95 3.87
CA TRP B 50 -10.93 18.87 5.35
C TRP B 50 -9.65 19.58 5.66
N ASP B 51 -9.42 20.61 4.93
CA ASP B 51 -8.20 21.43 5.10
C ASP B 51 -6.93 20.62 5.36
N LYS B 52 -6.72 19.57 4.63
CA LYS B 52 -5.49 18.75 4.84
C LYS B 52 -4.51 19.17 3.73
N ASN B 53 -3.34 19.62 4.05
CA ASN B 53 -2.32 20.03 3.04
C ASN B 53 -1.01 19.96 3.81
N PHE B 54 -0.38 18.81 3.73
CA PHE B 54 0.91 18.60 4.44
C PHE B 54 2.07 18.89 3.53
N THR B 55 3.12 19.29 4.17
CA THR B 55 4.40 19.66 3.53
C THR B 55 5.47 18.68 4.07
N GLU B 56 6.59 18.70 3.39
CA GLU B 56 7.75 17.83 3.75
C GLU B 56 7.94 17.85 5.29
N ASN B 57 8.20 19.04 5.73
CA ASN B 57 8.45 19.37 7.17
C ASN B 57 7.43 18.91 8.15
N ASP B 58 6.32 18.43 7.70
CA ASP B 58 5.30 18.00 8.69
C ASP B 58 5.28 16.53 8.84
N LEU B 59 5.99 15.86 7.97
CA LEU B 59 6.01 14.37 8.02
C LEU B 59 7.32 13.65 8.22
N LEU B 60 7.09 12.45 8.66
CA LEU B 60 8.14 11.47 8.95
C LEU B 60 7.65 10.13 8.30
N VAL B 61 8.58 9.37 7.81
CA VAL B 61 8.32 8.07 7.17
C VAL B 61 8.98 7.02 8.11
N ARG B 62 8.25 6.05 8.57
CA ARG B 62 8.83 5.02 9.47
C ARG B 62 8.79 3.69 8.68
N ILE B 63 9.93 3.13 8.40
CA ILE B 63 10.05 1.87 7.62
C ILE B 63 10.58 0.69 8.46
N GLY B 64 10.13 -0.48 8.18
CA GLY B 64 10.59 -1.71 8.93
C GLY B 64 9.72 -2.03 10.14
N LYS B 65 8.56 -1.43 10.25
CA LYS B 65 7.70 -1.70 11.45
C LYS B 65 6.78 -2.87 11.38
N HIS B 66 6.36 -3.23 12.56
CA HIS B 66 5.43 -4.35 12.80
C HIS B 66 4.39 -3.81 13.78
N SER B 67 4.89 -3.37 14.89
CA SER B 67 4.01 -2.81 15.96
C SER B 67 3.58 -1.44 15.48
N ARG B 68 2.36 -1.10 15.79
CA ARG B 68 1.81 0.20 15.38
C ARG B 68 2.30 1.37 16.23
N THR B 69 2.20 1.26 17.54
CA THR B 69 2.64 2.40 18.41
C THR B 69 4.04 2.44 18.99
N ARG B 70 4.76 1.36 18.92
CA ARG B 70 6.12 1.40 19.53
C ARG B 70 7.25 1.78 18.62
N TYR B 71 8.25 2.41 19.20
CA TYR B 71 9.41 2.81 18.38
C TYR B 71 10.24 1.51 18.51
N GLU B 72 10.28 0.81 17.41
CA GLU B 72 11.02 -0.50 17.33
C GLU B 72 12.52 -0.24 17.06
N ARG B 73 13.13 0.10 18.18
CA ARG B 73 14.57 0.41 18.27
C ARG B 73 15.40 -0.68 17.60
N ASN B 74 16.29 -0.27 16.76
CA ASN B 74 17.21 -1.20 16.01
C ASN B 74 16.51 -1.98 14.87
N ILE B 75 15.23 -1.80 14.68
CA ILE B 75 14.55 -2.52 13.59
C ILE B 75 14.01 -1.49 12.60
N GLU B 76 13.25 -0.54 13.05
CA GLU B 76 12.72 0.45 12.06
C GLU B 76 13.65 1.61 11.80
N LYS B 77 13.45 2.27 10.69
CA LYS B 77 14.26 3.45 10.29
C LYS B 77 13.20 4.56 10.09
N ILE B 78 13.56 5.75 10.44
CA ILE B 78 12.67 6.91 10.34
C ILE B 78 13.40 7.81 9.38
N SER B 79 12.74 8.25 8.35
CA SER B 79 13.43 9.14 7.38
C SER B 79 12.61 10.39 7.25
N MET B 80 13.27 11.36 6.72
CA MET B 80 12.63 12.67 6.51
C MET B 80 12.46 12.77 5.00
N LEU B 81 11.64 13.71 4.61
CA LEU B 81 11.34 13.91 3.19
C LEU B 81 12.08 15.04 2.62
N GLU B 82 12.49 14.84 1.41
CA GLU B 82 13.23 15.84 0.65
C GLU B 82 12.13 16.55 -0.15
N LYS B 83 11.38 15.80 -0.92
CA LYS B 83 10.29 16.39 -1.76
C LYS B 83 9.09 15.45 -1.81
N ILE B 84 7.96 16.02 -2.11
CA ILE B 84 6.65 15.30 -2.23
C ILE B 84 6.17 15.72 -3.62
N TYR B 85 5.68 14.77 -4.35
CA TYR B 85 5.16 15.03 -5.72
C TYR B 85 3.77 14.44 -5.75
N ILE B 86 2.79 15.23 -6.02
CA ILE B 86 1.37 14.72 -6.07
C ILE B 86 1.06 14.63 -7.59
N HIS B 87 0.25 13.69 -7.98
CA HIS B 87 -0.07 13.57 -9.43
C HIS B 87 -0.76 14.90 -9.84
N PRO B 88 -0.28 15.56 -10.86
CA PRO B 88 -0.85 16.85 -11.32
C PRO B 88 -2.38 16.80 -11.60
N ARG B 89 -2.91 15.65 -11.89
CA ARG B 89 -4.38 15.55 -12.17
C ARG B 89 -5.14 14.75 -11.11
N TYR B 90 -4.62 14.80 -9.91
CA TYR B 90 -5.27 14.09 -8.77
C TYR B 90 -6.60 14.85 -8.64
N ASN B 91 -7.69 14.14 -8.65
CA ASN B 91 -9.04 14.77 -8.53
C ASN B 91 -9.66 14.65 -7.16
N TRP B 92 -9.34 15.58 -6.30
CA TRP B 92 -9.91 15.53 -4.92
C TRP B 92 -11.32 16.11 -4.86
N ARG B 93 -11.66 16.85 -5.87
CA ARG B 93 -13.01 17.45 -5.91
C ARG B 93 -14.10 16.44 -6.19
N GLU B 94 -13.86 15.51 -7.07
CA GLU B 94 -14.95 14.54 -7.37
C GLU B 94 -14.86 13.08 -6.92
N ASN B 95 -13.88 12.34 -7.39
CA ASN B 95 -13.79 10.90 -6.98
C ASN B 95 -12.39 10.36 -6.61
N LEU B 96 -11.46 11.23 -6.26
CA LEU B 96 -10.06 10.78 -5.89
C LEU B 96 -9.43 10.00 -7.05
N ASP B 97 -9.70 10.49 -8.22
CA ASP B 97 -9.13 9.82 -9.41
C ASP B 97 -7.66 10.25 -9.39
N ARG B 98 -6.82 9.29 -9.69
CA ARG B 98 -5.34 9.45 -9.73
C ARG B 98 -4.87 9.80 -8.30
N ASP B 99 -5.29 8.97 -7.40
CA ASP B 99 -4.94 9.17 -5.96
C ASP B 99 -3.55 8.47 -5.74
N ILE B 100 -2.52 9.19 -6.12
CA ILE B 100 -1.13 8.71 -5.99
C ILE B 100 -0.15 9.88 -5.74
N ALA B 101 0.90 9.60 -5.00
CA ALA B 101 1.93 10.63 -4.70
C ALA B 101 3.21 9.86 -4.45
N LEU B 102 4.30 10.52 -4.71
CA LEU B 102 5.69 9.95 -4.52
C LEU B 102 6.38 10.86 -3.51
N MET B 103 7.21 10.29 -2.68
CA MET B 103 7.94 11.09 -1.65
C MET B 103 9.40 10.67 -1.83
N LYS B 104 10.25 11.64 -1.89
CA LYS B 104 11.70 11.38 -2.06
C LYS B 104 12.24 11.49 -0.63
N LEU B 105 13.02 10.53 -0.21
CA LEU B 105 13.55 10.62 1.19
C LEU B 105 14.80 11.49 1.16
N LYS B 106 15.04 12.09 2.27
CA LYS B 106 16.22 12.98 2.41
C LYS B 106 17.49 12.16 2.08
N LYS B 107 17.62 11.00 2.68
CA LYS B 107 18.82 10.10 2.47
C LYS B 107 18.31 8.69 2.18
N PRO B 108 19.03 7.90 1.42
CA PRO B 108 18.63 6.51 1.10
C PRO B 108 18.56 5.68 2.38
N VAL B 109 17.74 4.66 2.36
CA VAL B 109 17.62 3.81 3.56
C VAL B 109 18.36 2.51 3.17
N ALA B 110 18.78 1.79 4.16
CA ALA B 110 19.50 0.53 3.90
C ALA B 110 18.45 -0.54 4.08
N PHE B 111 18.57 -1.54 3.27
CA PHE B 111 17.60 -2.66 3.33
C PHE B 111 18.10 -3.57 4.41
N SER B 112 17.19 -4.35 4.91
CA SER B 112 17.49 -5.30 5.98
C SER B 112 16.49 -6.40 5.77
N ASP B 113 16.42 -7.27 6.73
CA ASP B 113 15.46 -8.39 6.65
C ASP B 113 14.03 -7.87 6.79
N TYR B 114 13.92 -6.67 7.30
CA TYR B 114 12.60 -6.02 7.54
C TYR B 114 12.32 -4.85 6.61
N ILE B 115 13.28 -4.44 5.85
CA ILE B 115 13.14 -3.31 4.91
C ILE B 115 13.60 -3.78 3.53
N HIS B 116 12.65 -3.93 2.63
CA HIS B 116 12.99 -4.39 1.26
C HIS B 116 11.91 -3.79 0.33
N PRO B 117 12.26 -3.28 -0.83
CA PRO B 117 11.28 -2.70 -1.78
C PRO B 117 10.41 -3.70 -2.51
N VAL B 118 9.27 -3.24 -2.89
CA VAL B 118 8.32 -4.10 -3.62
C VAL B 118 8.55 -3.74 -5.12
N CYS B 119 8.12 -4.61 -6.00
CA CYS B 119 8.30 -4.33 -7.44
C CYS B 119 7.05 -3.60 -7.99
N LEU B 120 7.27 -2.84 -9.02
CA LEU B 120 6.15 -2.09 -9.64
C LEU B 120 5.91 -2.96 -10.88
N PRO B 121 4.68 -3.14 -11.24
CA PRO B 121 4.34 -4.11 -12.29
C PRO B 121 4.69 -3.55 -13.69
N ASP B 122 4.76 -4.48 -14.59
CA ASP B 122 5.06 -4.14 -16.00
C ASP B 122 3.77 -4.59 -16.69
N ARG B 123 3.50 -3.98 -17.82
CA ARG B 123 2.27 -4.30 -18.64
C ARG B 123 1.90 -5.76 -18.62
N GLU B 124 2.87 -6.59 -18.84
CA GLU B 124 2.61 -8.05 -18.85
C GLU B 124 2.15 -8.63 -17.53
N THR B 125 2.75 -8.18 -16.46
CA THR B 125 2.34 -8.72 -15.14
C THR B 125 0.95 -8.20 -14.85
N ALA B 126 0.75 -6.94 -15.12
CA ALA B 126 -0.60 -6.35 -14.84
C ALA B 126 -1.61 -7.17 -15.66
N ALA B 127 -1.27 -7.34 -16.90
CA ALA B 127 -2.16 -8.12 -17.81
C ALA B 127 -2.50 -9.49 -17.26
N SER B 128 -1.52 -10.23 -16.85
CA SER B 128 -1.85 -11.58 -16.34
C SER B 128 -2.42 -11.67 -14.95
N LEU B 129 -2.15 -10.73 -14.10
CA LEU B 129 -2.68 -10.82 -12.71
C LEU B 129 -3.88 -10.02 -12.37
N LEU B 130 -4.08 -8.87 -12.97
CA LEU B 130 -5.31 -8.11 -12.58
C LEU B 130 -6.58 -8.69 -13.26
N GLN B 131 -6.98 -9.83 -12.80
CA GLN B 131 -8.18 -10.52 -13.34
C GLN B 131 -9.19 -10.77 -12.19
N ALA B 132 -10.47 -10.61 -12.47
CA ALA B 132 -11.51 -10.83 -11.43
C ALA B 132 -11.37 -12.20 -10.91
N GLY B 133 -11.43 -12.32 -9.60
CA GLY B 133 -11.30 -13.64 -8.99
C GLY B 133 -9.90 -13.86 -8.40
N TYR B 134 -8.92 -13.22 -8.96
CA TYR B 134 -7.53 -13.38 -8.44
C TYR B 134 -7.45 -12.55 -7.19
N LYS B 135 -6.77 -13.10 -6.22
CA LYS B 135 -6.61 -12.38 -4.92
C LYS B 135 -5.28 -11.66 -4.79
N GLY B 136 -5.39 -10.56 -4.10
CA GLY B 136 -4.27 -9.68 -3.82
C GLY B 136 -4.27 -9.57 -2.27
N ARG B 137 -3.28 -8.90 -1.73
CA ARG B 137 -3.15 -8.73 -0.26
C ARG B 137 -3.01 -7.30 0.10
N VAL B 138 -3.68 -6.89 1.16
CA VAL B 138 -3.63 -5.49 1.64
C VAL B 138 -3.11 -5.55 3.09
N THR B 139 -2.31 -4.59 3.42
CA THR B 139 -1.75 -4.51 4.78
C THR B 139 -1.84 -3.08 5.33
N GLY B 140 -1.90 -2.99 6.64
CA GLY B 140 -1.98 -1.66 7.29
C GLY B 140 -2.33 -1.77 8.78
N TRP B 141 -2.16 -0.65 9.40
CA TRP B 141 -2.41 -0.43 10.87
C TRP B 141 -3.68 0.41 11.03
N GLY B 142 -4.58 0.32 10.09
CA GLY B 142 -5.85 1.10 10.15
C GLY B 142 -6.87 0.40 10.99
N ASN B 143 -7.95 1.07 11.18
CA ASN B 143 -9.05 0.53 12.00
C ASN B 143 -9.44 -0.88 11.65
N LEU B 144 -9.88 -1.52 12.69
CA LEU B 144 -10.36 -2.94 12.66
C LEU B 144 -11.87 -3.02 12.42
N LYS B 145 -12.53 -1.94 12.68
CA LYS B 145 -13.99 -1.86 12.49
C LYS B 145 -14.21 -0.46 12.01
N GLU B 146 -15.35 -0.32 11.44
CA GLU B 146 -15.81 0.96 10.87
C GLU B 146 -16.09 1.88 12.07
N GLY B 155 -11.01 -1.96 17.74
CA GLY B 155 -10.52 -0.56 17.77
C GLY B 155 -9.40 -0.50 16.72
N GLN B 156 -8.19 -0.37 17.17
CA GLN B 156 -7.02 -0.30 16.27
C GLN B 156 -6.23 -1.55 16.68
N PRO B 157 -5.33 -1.99 15.84
CA PRO B 157 -4.51 -3.21 16.09
C PRO B 157 -3.21 -2.84 16.74
N SER B 158 -2.55 -3.79 17.30
CA SER B 158 -1.25 -3.44 17.94
C SER B 158 -0.18 -3.74 16.90
N VAL B 159 -0.48 -4.71 16.08
CA VAL B 159 0.43 -5.17 15.00
C VAL B 159 -0.18 -4.95 13.60
N LEU B 160 0.68 -4.99 12.61
CA LEU B 160 0.28 -4.82 11.19
C LEU B 160 -0.68 -5.94 10.87
N GLN B 161 -1.74 -5.60 10.21
CA GLN B 161 -2.78 -6.60 9.83
C GLN B 161 -2.65 -6.88 8.32
N VAL B 162 -3.18 -7.99 7.91
CA VAL B 162 -3.16 -8.45 6.49
C VAL B 162 -4.49 -9.13 6.15
N VAL B 163 -4.93 -8.97 4.92
CA VAL B 163 -6.18 -9.63 4.47
C VAL B 163 -5.96 -9.86 2.96
N ASN B 164 -6.44 -10.95 2.47
CA ASN B 164 -6.30 -11.31 1.02
C ASN B 164 -7.70 -11.15 0.47
N LEU B 165 -7.82 -10.34 -0.55
CA LEU B 165 -9.14 -10.07 -1.18
C LEU B 165 -9.09 -10.33 -2.70
N PRO B 166 -10.15 -10.88 -3.23
CA PRO B 166 -10.30 -11.10 -4.70
C PRO B 166 -10.63 -9.81 -5.43
N ILE B 167 -10.11 -9.68 -6.61
CA ILE B 167 -10.38 -8.49 -7.42
C ILE B 167 -11.82 -8.77 -7.93
N VAL B 168 -12.59 -7.72 -8.05
CA VAL B 168 -13.99 -7.83 -8.51
C VAL B 168 -14.15 -7.27 -9.95
N GLU B 169 -15.15 -7.80 -10.60
CA GLU B 169 -15.45 -7.39 -12.01
C GLU B 169 -15.88 -5.93 -11.95
N ARG B 170 -15.34 -5.17 -12.84
CA ARG B 170 -15.67 -3.73 -12.90
C ARG B 170 -17.18 -3.36 -12.90
N PRO B 171 -18.09 -3.97 -13.65
CA PRO B 171 -19.55 -3.72 -13.49
C PRO B 171 -20.07 -3.87 -12.06
N VAL B 172 -19.60 -4.89 -11.42
CA VAL B 172 -20.05 -5.13 -10.03
C VAL B 172 -19.54 -3.93 -9.21
N CYS B 173 -18.34 -3.51 -9.47
CA CYS B 173 -17.78 -2.35 -8.71
C CYS B 173 -18.59 -1.06 -8.94
N LYS B 174 -18.91 -0.84 -10.18
CA LYS B 174 -19.68 0.39 -10.55
C LYS B 174 -21.09 0.31 -10.00
N ASP B 175 -21.67 -0.85 -10.03
CA ASP B 175 -23.08 -0.98 -9.50
C ASP B 175 -23.22 -1.04 -7.99
N SER B 176 -22.15 -0.79 -7.28
CA SER B 176 -22.16 -0.81 -5.79
C SER B 176 -22.11 0.62 -5.25
N THR B 177 -21.86 1.59 -6.10
CA THR B 177 -21.77 3.00 -5.61
C THR B 177 -22.39 4.00 -6.56
N ARG B 178 -22.42 5.22 -6.14
CA ARG B 178 -22.96 6.34 -6.94
C ARG B 178 -21.75 7.12 -7.38
N ILE B 179 -20.56 6.75 -6.98
CA ILE B 179 -19.37 7.56 -7.42
C ILE B 179 -18.97 7.03 -8.77
N ARG B 180 -18.47 7.94 -9.53
CA ARG B 180 -18.00 7.62 -10.91
C ARG B 180 -16.59 6.95 -10.79
N ILE B 181 -16.52 5.72 -11.21
CA ILE B 181 -15.27 4.90 -11.17
C ILE B 181 -14.55 5.21 -12.50
N THR B 182 -13.24 5.25 -12.48
CA THR B 182 -12.46 5.54 -13.71
C THR B 182 -11.56 4.32 -13.95
N ASP B 183 -10.87 4.33 -15.06
CA ASP B 183 -9.98 3.19 -15.36
C ASP B 183 -8.74 3.25 -14.49
N ASN B 184 -8.62 4.29 -13.70
CA ASN B 184 -7.42 4.42 -12.81
C ASN B 184 -7.74 3.85 -11.44
N MET B 185 -8.80 3.11 -11.33
CA MET B 185 -9.21 2.48 -10.06
C MET B 185 -9.66 1.05 -10.34
N PHE B 186 -9.69 0.22 -9.33
CA PHE B 186 -10.17 -1.16 -9.48
C PHE B 186 -10.75 -1.40 -8.07
N CYS B 187 -11.59 -2.38 -7.89
CA CYS B 187 -12.15 -2.59 -6.53
C CYS B 187 -11.91 -4.03 -6.21
N ALA B 188 -11.93 -4.31 -4.94
CA ALA B 188 -11.70 -5.71 -4.50
C ALA B 188 -12.54 -5.96 -3.25
N GLY B 189 -12.78 -7.20 -2.99
CA GLY B 189 -13.58 -7.60 -1.80
C GLY B 189 -14.45 -8.78 -2.15
N TYR B 190 -15.03 -9.36 -1.14
CA TYR B 190 -15.91 -10.53 -1.35
C TYR B 190 -17.31 -10.01 -1.60
N LYS B 191 -18.10 -10.81 -2.25
CA LYS B 191 -19.50 -10.45 -2.59
C LYS B 191 -20.31 -10.90 -1.38
N PRO B 192 -21.41 -10.25 -1.08
CA PRO B 192 -22.28 -10.63 0.07
C PRO B 192 -22.50 -12.16 0.14
N ASP B 193 -22.61 -12.67 -1.05
CA ASP B 193 -22.85 -14.12 -1.29
C ASP B 193 -21.60 -14.99 -1.29
N GLU B 194 -20.49 -14.53 -0.75
CA GLU B 194 -19.28 -15.42 -0.77
C GLU B 194 -18.85 -15.86 0.63
N GLY B 195 -19.66 -15.51 1.59
CA GLY B 195 -19.38 -15.86 3.01
C GLY B 195 -17.98 -15.57 3.56
N LYS B 196 -17.25 -14.68 2.95
CA LYS B 196 -15.89 -14.35 3.46
C LYS B 196 -16.02 -12.85 3.59
N ARG B 197 -15.21 -12.25 4.41
CA ARG B 197 -15.29 -10.77 4.60
C ARG B 197 -13.86 -10.23 4.46
N GLY B 198 -13.75 -8.97 4.74
CA GLY B 198 -12.45 -8.29 4.68
C GLY B 198 -12.45 -7.01 3.93
N ASP B 199 -11.67 -6.06 4.37
CA ASP B 199 -11.58 -4.75 3.67
C ASP B 199 -10.55 -3.90 4.40
N ALA B 200 -10.14 -2.84 3.80
CA ALA B 200 -9.17 -1.94 4.40
C ALA B 200 -10.14 -1.00 5.13
N CYS B 201 -9.62 -0.07 5.87
CA CYS B 201 -10.51 0.87 6.60
C CYS B 201 -9.67 2.10 6.91
N GLU B 202 -10.27 3.01 7.62
CA GLU B 202 -9.59 4.29 8.02
C GLU B 202 -8.21 4.01 8.59
N GLY B 203 -7.21 4.68 8.09
CA GLY B 203 -5.82 4.47 8.58
C GLY B 203 -5.04 3.61 7.63
N ASP B 204 -5.72 2.90 6.77
CA ASP B 204 -5.02 2.01 5.78
C ASP B 204 -4.75 2.75 4.49
N SER B 205 -5.41 3.86 4.26
CA SER B 205 -5.20 4.66 3.00
C SER B 205 -3.73 4.83 2.68
N GLY B 206 -3.38 4.76 1.42
CA GLY B 206 -1.95 4.93 1.05
C GLY B 206 -1.16 3.68 1.01
N GLY B 207 -1.65 2.66 1.63
CA GLY B 207 -0.92 1.39 1.65
C GLY B 207 -1.05 0.56 0.38
N PRO B 208 -0.28 -0.50 0.34
CA PRO B 208 -0.20 -1.40 -0.83
C PRO B 208 -1.16 -2.58 -0.96
N PHE B 209 -1.52 -2.87 -2.19
CA PHE B 209 -2.41 -4.01 -2.53
C PHE B 209 -1.35 -4.75 -3.40
N VAL B 210 -0.94 -5.91 -3.00
CA VAL B 210 0.09 -6.64 -3.81
C VAL B 210 -0.32 -8.03 -4.21
N MET B 211 0.37 -8.53 -5.18
CA MET B 211 0.10 -9.89 -5.69
C MET B 211 1.46 -10.54 -5.90
N LYS B 212 1.45 -11.84 -5.82
CA LYS B 212 2.73 -12.60 -6.00
C LYS B 212 2.69 -13.25 -7.39
N SER B 213 3.66 -12.92 -8.19
CA SER B 213 3.72 -13.50 -9.56
C SER B 213 4.08 -15.01 -9.45
N PRO B 214 3.26 -15.86 -10.02
CA PRO B 214 3.56 -17.31 -10.11
C PRO B 214 4.62 -17.63 -11.17
N PHE B 215 5.03 -16.64 -11.92
CA PHE B 215 6.05 -16.84 -12.99
C PHE B 215 7.43 -16.62 -12.45
N ASN B 216 7.61 -15.56 -11.72
CA ASN B 216 8.99 -15.32 -11.19
C ASN B 216 9.06 -15.19 -9.68
N ASN B 217 8.00 -15.56 -9.02
CA ASN B 217 7.96 -15.49 -7.52
C ASN B 217 8.12 -14.15 -6.84
N ARG B 218 7.99 -13.07 -7.55
CA ARG B 218 8.15 -11.76 -6.93
C ARG B 218 6.80 -11.14 -6.60
N TRP B 219 6.86 -10.25 -5.65
CA TRP B 219 5.66 -9.52 -5.20
C TRP B 219 5.64 -8.21 -5.93
N TYR B 220 4.48 -7.90 -6.44
CA TYR B 220 4.25 -6.65 -7.22
C TYR B 220 3.13 -5.84 -6.55
N GLN B 221 3.29 -4.55 -6.59
CA GLN B 221 2.28 -3.66 -5.99
C GLN B 221 1.37 -3.24 -7.19
N MET B 222 0.19 -3.81 -7.19
CA MET B 222 -0.80 -3.52 -8.26
C MET B 222 -1.67 -2.33 -7.86
N GLY B 223 -1.94 -2.15 -6.59
CA GLY B 223 -2.78 -1.01 -6.17
C GLY B 223 -2.35 -0.27 -4.91
N ILE B 224 -3.03 0.83 -4.68
CA ILE B 224 -2.78 1.69 -3.47
C ILE B 224 -4.17 1.80 -2.82
N VAL B 225 -4.27 1.69 -1.52
CA VAL B 225 -5.59 1.80 -0.81
C VAL B 225 -6.04 3.25 -1.02
N SER B 226 -7.19 3.40 -1.62
CA SER B 226 -7.74 4.74 -1.90
C SER B 226 -9.00 5.11 -1.17
N TRP B 227 -10.07 4.38 -1.33
CA TRP B 227 -11.29 4.77 -0.59
C TRP B 227 -12.25 3.63 -0.54
N GLY B 228 -13.29 3.84 0.20
CA GLY B 228 -14.35 2.81 0.35
C GLY B 228 -15.48 3.57 1.04
N GLU B 229 -16.64 3.01 1.14
CA GLU B 229 -17.82 3.70 1.79
C GLU B 229 -18.06 2.81 3.00
N GLY B 230 -17.52 3.26 4.09
CA GLY B 230 -17.67 2.48 5.34
C GLY B 230 -16.52 1.48 5.26
N CYS B 231 -16.62 0.42 6.00
CA CYS B 231 -15.57 -0.64 6.01
C CYS B 231 -16.25 -1.98 6.10
N ASP B 232 -15.93 -2.86 5.19
CA ASP B 232 -16.50 -4.24 5.13
C ASP B 232 -18.05 -4.28 5.13
N ARG B 233 -18.68 -3.31 4.50
CA ARG B 233 -20.17 -3.34 4.49
C ARG B 233 -20.53 -4.32 3.39
N ASP B 234 -21.60 -5.03 3.53
CA ASP B 234 -21.98 -6.00 2.48
C ASP B 234 -22.49 -5.25 1.26
N GLY B 235 -22.03 -5.64 0.12
CA GLY B 235 -22.50 -4.95 -1.11
C GLY B 235 -21.59 -3.81 -1.50
N LYS B 236 -20.59 -3.50 -0.70
CA LYS B 236 -19.68 -2.40 -1.07
C LYS B 236 -18.29 -3.06 -1.26
N TYR B 237 -17.38 -2.34 -1.85
CA TYR B 237 -16.01 -2.88 -2.10
C TYR B 237 -15.02 -1.78 -1.81
N GLY B 238 -13.77 -2.12 -1.72
CA GLY B 238 -12.75 -1.08 -1.44
C GLY B 238 -12.20 -0.73 -2.83
N PHE B 239 -11.78 0.49 -2.99
CA PHE B 239 -11.24 0.95 -4.27
C PHE B 239 -9.78 1.25 -4.05
N TYR B 240 -9.04 0.91 -5.07
CA TYR B 240 -7.58 1.08 -5.10
C TYR B 240 -7.07 1.80 -6.34
N THR B 241 -6.03 2.56 -6.21
CA THR B 241 -5.47 3.27 -7.37
C THR B 241 -4.77 2.15 -8.22
N HIS B 242 -4.93 2.22 -9.52
CA HIS B 242 -4.36 1.24 -10.52
C HIS B 242 -2.94 1.70 -10.76
N VAL B 243 -2.00 1.12 -10.07
CA VAL B 243 -0.59 1.55 -10.24
C VAL B 243 -0.03 1.45 -11.65
N PHE B 244 -0.30 0.37 -12.29
CA PHE B 244 0.25 0.27 -13.66
C PHE B 244 -0.24 1.41 -14.55
N ARG B 245 -1.49 1.77 -14.49
CA ARG B 245 -1.96 2.87 -15.35
C ARG B 245 -1.28 4.17 -15.03
N LEU B 246 -0.70 4.32 -13.88
CA LEU B 246 -0.03 5.62 -13.56
C LEU B 246 1.48 5.53 -13.58
N LYS B 247 1.96 4.38 -13.92
CA LYS B 247 3.41 4.14 -13.97
C LYS B 247 4.25 5.10 -14.82
N LYS B 248 3.72 5.59 -15.90
CA LYS B 248 4.57 6.53 -16.72
C LYS B 248 4.82 7.80 -15.90
N TRP B 249 3.85 8.20 -15.11
CA TRP B 249 4.02 9.43 -14.27
C TRP B 249 5.11 9.09 -13.25
N ILE B 250 4.99 7.92 -12.67
CA ILE B 250 6.01 7.48 -11.66
C ILE B 250 7.42 7.55 -12.30
N GLN B 251 7.56 6.85 -13.40
CA GLN B 251 8.86 6.83 -14.13
C GLN B 251 9.40 8.20 -14.37
N LYS B 252 8.52 9.04 -14.81
CA LYS B 252 8.90 10.43 -15.10
C LYS B 252 9.43 11.20 -13.91
N VAL B 253 8.70 11.27 -12.82
CA VAL B 253 9.28 12.06 -11.72
C VAL B 253 10.51 11.38 -11.19
N ILE B 254 10.52 10.09 -11.15
CA ILE B 254 11.75 9.47 -10.63
C ILE B 254 12.94 9.84 -11.53
N ASP B 255 12.93 9.47 -12.78
CA ASP B 255 14.13 9.85 -13.59
C ASP B 255 14.22 11.35 -13.91
N GLN B 256 13.28 12.14 -13.47
CA GLN B 256 13.38 13.60 -13.75
C GLN B 256 13.94 14.23 -12.48
N PHE B 257 13.61 13.63 -11.36
CA PHE B 257 14.08 14.15 -10.04
C PHE B 257 14.94 13.17 -9.21
N GLY B 258 15.48 12.11 -9.74
CA GLY B 258 16.32 11.20 -8.89
C GLY B 258 16.15 9.70 -9.18
N GLU B 259 16.34 8.91 -8.16
CA GLU B 259 16.21 7.43 -8.23
C GLU B 259 16.12 6.93 -6.78
N ASP C 1 -1.21 7.64 22.14
CA ASP C 1 -1.09 6.14 22.10
C ASP C 1 0.30 5.78 21.52
N PHE C 2 0.89 6.64 20.72
CA PHE C 2 2.23 6.30 20.16
C PHE C 2 3.26 6.50 21.23
N GLU C 3 4.33 5.78 21.06
CA GLU C 3 5.46 5.84 21.99
C GLU C 3 6.33 6.92 21.38
N GLU C 4 7.03 7.56 22.25
CA GLU C 4 7.95 8.67 21.88
C GLU C 4 9.04 8.15 20.93
N ILE C 5 9.41 8.98 20.01
CA ILE C 5 10.46 8.59 19.03
C ILE C 5 11.62 9.56 19.30
N PRO C 6 12.83 9.19 18.99
CA PRO C 6 14.03 10.03 19.24
C PRO C 6 14.05 11.46 18.66
N GLU C 7 14.15 12.43 19.54
CA GLU C 7 14.19 13.89 19.22
C GLU C 7 14.98 14.21 17.94
N GLU C 8 16.02 13.47 17.71
CA GLU C 8 16.86 13.69 16.50
C GLU C 8 16.04 13.65 15.19
N TYS C 9 14.92 12.96 15.21
CA TYS C 9 14.06 12.85 13.99
CB TYS C 9 13.32 11.50 14.00
CG TYS C 9 14.28 10.31 13.99
CD1 TYS C 9 15.21 10.20 12.99
CD2 TYS C 9 14.19 9.34 14.95
CE1 TYS C 9 16.07 9.14 12.95
CE2 TYS C 9 15.05 8.27 14.93
CZ TYS C 9 15.99 8.17 13.92
OH TYS C 9 16.89 7.13 13.85
S TYS C 9 16.34 5.76 13.29
O1 TYS C 9 15.08 5.40 13.86
O2 TYS C 9 16.35 5.87 11.86
O3 TYS C 9 17.20 4.65 13.64
C TYS C 9 13.01 13.94 13.84
O TYS C 9 12.20 13.87 12.94
H2 TYS C 9 14.64 12.53 16.04
HA TYS C 9 14.70 12.91 13.11
HB2 TYS C 9 12.69 11.44 13.11
HB3 TYS C 9 12.66 11.45 14.86
HD1 TYS C 9 15.28 10.96 12.22
HD2 TYS C 9 13.45 9.43 15.75
HE1 TYS C 9 16.80 9.06 12.16
HE2 TYS C 9 14.98 7.51 15.69
N LEU C 10 13.04 14.89 14.71
CA LEU C 10 12.04 15.97 14.61
C LEU C 10 12.78 17.21 14.12
N GLN C 11 13.72 17.59 14.96
CA GLN C 11 14.70 18.73 14.91
C GLN C 11 14.67 19.82 13.83
NA NA D . -18.10 -5.54 1.23
C1 696 E . -11.23 2.29 3.07
C2 696 E . -9.90 2.45 2.56
C3 696 E . -9.14 3.57 2.85
C4 696 E . -9.70 4.55 3.66
C5 696 E . -10.97 4.40 4.14
C6 696 E . -11.74 3.30 3.88
C7 696 E . -11.98 1.18 2.70
N1 696 E . -13.06 0.86 3.38
N2 696 E . -11.57 0.43 1.70
N3 696 E . -9.20 5.66 4.10
CN4 696 E . -11.30 5.45 5.10
C8 696 E . -10.10 6.21 4.92
C1' 696 E . -10.01 7.51 5.40
C2' 696 E . -11.06 8.04 6.18
C3' 696 E . -10.97 9.32 6.70
C4' 696 E . -9.86 10.10 6.42
C5' 696 E . -8.83 9.64 5.58
C6' 696 E . -8.93 8.32 5.07
O6' 696 E . -7.91 7.78 4.31
C1B 696 E . -7.77 10.54 5.30
C2B 696 E . -6.43 10.20 5.51
C3B 696 E . -5.41 11.14 5.26
C4B 696 E . -5.73 12.43 4.80
C5B 696 E . -7.06 12.76 4.57
C6B 696 E . -8.07 11.83 4.82
H2 696 E . -9.45 1.65 2.00
H3 696 E . -8.09 3.63 2.57
H6 696 E . -12.79 3.30 4.19
HH11 696 E . -13.36 1.44 4.14
HH12 696 E . -13.62 0.05 3.18
HH21 696 E . -10.77 0.71 1.19
HH22 696 E . -12.03 -0.41 1.41
HN3 696 E . -8.33 6.02 3.96
HN4 696 E . -11.79 5.45 6.09
H2' 696 E . -11.93 7.45 6.44
H3' 696 E . -11.76 9.71 7.33
H4' 696 E . -9.83 11.11 6.82
H2B 696 E . -6.18 9.22 5.86
H3B 696 E . -4.38 10.86 5.43
H4B 696 E . -4.94 13.14 4.61
H5B 696 E . -7.31 13.74 4.21
H6B 696 E . -9.09 12.12 4.63
#